data_1VRM
#
_entry.id   1VRM
#
_cell.length_a   57.742
_cell.length_b   76.946
_cell.length_c   86.587
_cell.angle_alpha   90.00
_cell.angle_beta   90.00
_cell.angle_gamma   90.00
#
_symmetry.space_group_name_H-M   'P 21 21 21'
#
loop_
_entity.id
_entity.type
_entity.pdbx_description
1 polymer 'hypothetical protein TM1553'
2 non-polymer 'UNKNOWN LIGAND'
3 non-polymer (4R)-2-METHYLPENTANE-2,4-DIOL
4 non-polymer (4S)-2-METHYL-2,4-PENTANEDIOL
5 water water
#
_entity_poly.entity_id   1
_entity_poly.type   'polypeptide(L)'
_entity_poly.pdbx_seq_one_letter_code
;(MSE)GSDKIHHHHHHRTKDQYYELRDFALGTSVRIVVSSQKINPRTIAEAILED(MSE)KRITYKFSFTDERSVVKKIN
DHPNEWVEVDEETYSLIKAACAFAELTDGAFDPTVGRLLELWGFTGNYENLRVPSREEIEEALKHTGYKNVLFDDKN
(MSE)RV(MSE)VKNGVKIDLGGIAKGYALDRARQIALSFDENATGFVEAGGDVRIIGPKFGKYPWVIGVKDPRGDDVID
YIYLKSGAVATSGDYERYFVVDGVRYHHILDPSTGYPARGVWSVTIIAEDATTADALSTAGFV(MSE)AGKDWRKVVLDF
PN(MSE)GAHLLIVLEGGAIERSETFKLFERE
;
_entity_poly.pdbx_strand_id   A
#
loop_
_chem_comp.id
_chem_comp.type
_chem_comp.name
_chem_comp.formula
MPD non-polymer (4S)-2-METHYL-2,4-PENTANEDIOL 'C6 H14 O2'
MRD non-polymer (4R)-2-METHYLPENTANE-2,4-DIOL 'C6 H14 O2'
UNL non-polymer 'UNKNOWN LIGAND' ?
#
# COMPACT_ATOMS: atom_id res chain seq x y z
N GLN A 17 6.94 -24.60 -15.96
CA GLN A 17 5.60 -23.94 -16.01
C GLN A 17 4.89 -23.66 -14.67
N TYR A 18 4.00 -22.69 -14.76
CA TYR A 18 3.63 -21.87 -13.63
C TYR A 18 2.35 -22.39 -13.05
N TYR A 19 2.32 -22.46 -11.72
CA TYR A 19 1.08 -22.69 -11.01
C TYR A 19 0.52 -21.37 -10.55
N GLU A 20 -0.80 -21.24 -10.61
CA GLU A 20 -1.49 -20.05 -10.13
C GLU A 20 -2.50 -20.36 -9.02
N LEU A 21 -2.45 -19.59 -7.94
CA LEU A 21 -3.36 -19.67 -6.82
C LEU A 21 -3.98 -18.26 -6.68
N ARG A 22 -5.31 -18.16 -6.79
CA ARG A 22 -6.03 -16.90 -6.57
C ARG A 22 -6.92 -17.00 -5.38
N ASP A 23 -7.00 -15.93 -4.58
CA ASP A 23 -7.86 -15.92 -3.38
C ASP A 23 -8.05 -14.44 -2.99
N PHE A 24 -8.56 -14.24 -1.78
CA PHE A 24 -8.86 -12.92 -1.25
C PHE A 24 -8.08 -12.81 0.06
N ALA A 25 -7.32 -11.71 0.15
CA ALA A 25 -6.58 -11.41 1.36
C ALA A 25 -6.25 -9.93 1.25
N LEU A 26 -5.77 -9.34 2.34
CA LEU A 26 -5.23 -7.98 2.36
C LEU A 26 -6.28 -6.98 1.86
N GLY A 27 -7.55 -7.31 2.13
CA GLY A 27 -8.68 -6.54 1.69
C GLY A 27 -8.93 -6.44 0.20
N THR A 28 -8.38 -7.38 -0.57
CA THR A 28 -8.42 -7.32 -1.99
C THR A 28 -8.36 -8.74 -2.55
N SER A 29 -8.15 -8.84 -3.85
CA SER A 29 -7.89 -10.12 -4.48
C SER A 29 -6.37 -10.26 -4.61
N VAL A 30 -5.90 -11.50 -4.49
CA VAL A 30 -4.48 -11.83 -4.60
C VAL A 30 -4.29 -12.93 -5.63
N ARG A 31 -3.12 -12.95 -6.26
CA ARG A 31 -2.76 -13.92 -7.26
C ARG A 31 -1.31 -14.29 -7.02
N ILE A 32 -1.04 -15.57 -6.95
CA ILE A 32 0.29 -16.05 -6.65
C ILE A 32 0.69 -16.95 -7.83
N VAL A 33 1.78 -16.65 -8.52
CA VAL A 33 2.15 -17.38 -9.74
C VAL A 33 3.60 -17.78 -9.53
N VAL A 34 3.83 -19.08 -9.51
CA VAL A 34 5.12 -19.62 -9.07
C VAL A 34 5.52 -20.82 -9.89
N SER A 35 6.81 -20.87 -10.20
CA SER A 35 7.44 -22.05 -10.82
C SER A 35 8.64 -22.46 -9.99
N SER A 36 8.78 -23.77 -9.77
CA SER A 36 9.95 -24.34 -9.10
C SER A 36 10.13 -25.78 -9.55
N GLN A 37 11.38 -26.18 -9.79
CA GLN A 37 11.71 -27.60 -10.03
C GLN A 37 12.18 -28.28 -8.76
N LYS A 38 12.32 -27.52 -7.68
CA LYS A 38 12.84 -28.05 -6.43
C LYS A 38 11.75 -28.47 -5.44
N ILE A 39 10.74 -27.63 -5.32
CA ILE A 39 9.62 -27.80 -4.38
C ILE A 39 8.33 -27.65 -5.18
N ASN A 40 7.33 -28.45 -4.91
CA ASN A 40 6.06 -28.31 -5.58
C ASN A 40 5.59 -26.84 -5.49
N PRO A 41 5.35 -26.18 -6.63
CA PRO A 41 4.86 -24.81 -6.55
C PRO A 41 3.57 -24.64 -5.76
N ARG A 42 2.73 -25.67 -5.69
CA ARG A 42 1.49 -25.55 -4.89
C ARG A 42 1.79 -25.37 -3.40
N THR A 43 2.87 -25.99 -2.94
CA THR A 43 3.36 -25.83 -1.56
C THR A 43 3.85 -24.39 -1.32
N ILE A 44 4.70 -23.90 -2.22
CA ILE A 44 5.18 -22.51 -2.10
C ILE A 44 3.99 -21.54 -2.13
N ALA A 45 3.06 -21.67 -3.06
CA ALA A 45 1.90 -20.81 -3.11
C ALA A 45 1.03 -20.86 -1.86
N GLU A 46 0.79 -22.06 -1.35
CA GLU A 46 0.00 -22.23 -0.12
C GLU A 46 0.67 -21.48 1.07
N ALA A 47 1.96 -21.64 1.19
CA ALA A 47 2.75 -20.94 2.23
C ALA A 47 2.57 -19.43 2.11
N ILE A 48 2.68 -18.96 0.90
CA ILE A 48 2.54 -17.52 0.62
C ILE A 48 1.13 -17.01 0.98
N LEU A 49 0.09 -17.74 0.57
CA LEU A 49 -1.26 -17.35 0.90
C LEU A 49 -1.49 -17.33 2.38
N GLU A 50 -0.94 -18.33 3.06
CA GLU A 50 -1.09 -18.36 4.55
C GLU A 50 -0.48 -17.10 5.15
N ASP A 51 0.70 -16.71 4.69
CA ASP A 51 1.34 -15.48 5.24
C ASP A 51 0.52 -14.23 4.92
N MSE A 52 -0.01 -14.16 3.70
CA MSE A 52 -0.82 -12.99 3.30
C MSE A 52 -2.05 -12.87 4.19
O MSE A 52 -2.41 -11.75 4.64
CB MSE A 52 -1.21 -13.04 1.83
CG MSE A 52 -0.04 -12.86 0.97
SE MSE A 52 -0.66 -13.13 -0.94
CE MSE A 52 0.06 -11.41 -1.68
N LYS A 53 -2.70 -13.99 4.46
CA LYS A 53 -3.84 -14.01 5.37
C LYS A 53 -3.44 -13.68 6.79
N ARG A 54 -2.32 -14.20 7.24
CA ARG A 54 -1.81 -13.92 8.58
C ARG A 54 -1.63 -12.41 8.79
N ILE A 55 -0.97 -11.77 7.84
CA ILE A 55 -0.71 -10.32 7.86
C ILE A 55 -2.07 -9.57 7.81
N THR A 56 -3.01 -10.07 7.02
CA THR A 56 -4.34 -9.46 6.91
C THR A 56 -4.98 -9.28 8.30
N TYR A 57 -4.92 -10.34 9.10
CA TYR A 57 -5.58 -10.31 10.41
C TYR A 57 -4.73 -9.63 11.47
N LYS A 58 -3.42 -9.82 11.40
CA LYS A 58 -2.55 -9.29 12.43
C LYS A 58 -2.50 -7.78 12.43
N PHE A 59 -2.57 -7.21 11.22
CA PHE A 59 -2.44 -5.76 11.06
C PHE A 59 -3.77 -5.08 10.70
N SER A 60 -4.88 -5.78 10.89
CA SER A 60 -6.20 -5.29 10.57
C SER A 60 -6.63 -4.14 11.48
N PHE A 61 -7.42 -3.22 10.94
CA PHE A 61 -7.96 -2.15 11.78
C PHE A 61 -9.05 -2.71 12.67
N THR A 62 -9.70 -3.81 12.24
CA THR A 62 -10.93 -4.29 12.91
C THR A 62 -10.91 -5.67 13.53
N ASP A 63 -10.05 -6.54 13.04
CA ASP A 63 -10.07 -7.94 13.50
C ASP A 63 -9.64 -8.01 14.96
N GLU A 64 -10.35 -8.81 15.75
CA GLU A 64 -10.04 -8.90 17.18
C GLU A 64 -8.65 -9.47 17.43
N ARG A 65 -8.09 -10.18 16.47
CA ARG A 65 -6.75 -10.77 16.61
C ARG A 65 -5.63 -9.77 16.27
N SER A 66 -6.00 -8.57 15.88
CA SER A 66 -5.03 -7.64 15.36
C SER A 66 -4.20 -6.95 16.45
N VAL A 67 -2.91 -6.83 16.22
CA VAL A 67 -2.01 -6.07 17.11
C VAL A 67 -2.21 -4.54 16.88
N VAL A 68 -2.52 -4.15 15.66
CA VAL A 68 -2.87 -2.76 15.37
C VAL A 68 -4.12 -2.37 16.18
N LYS A 69 -5.16 -3.21 16.15
CA LYS A 69 -6.37 -2.95 16.92
C LYS A 69 -5.99 -2.90 18.39
N LYS A 70 -5.14 -3.81 18.84
CA LYS A 70 -4.70 -3.79 20.26
C LYS A 70 -4.09 -2.45 20.63
N ILE A 71 -3.18 -1.94 19.81
CA ILE A 71 -2.59 -0.65 20.10
C ILE A 71 -3.67 0.45 20.05
N ASN A 72 -4.49 0.45 19.01
CA ASN A 72 -5.56 1.48 18.84
C ASN A 72 -6.56 1.52 19.97
N ASP A 73 -6.81 0.33 20.52
CA ASP A 73 -7.78 0.18 21.61
C ASP A 73 -7.15 0.40 23.00
N HIS A 74 -5.85 0.71 23.02
CA HIS A 74 -5.15 0.97 24.25
C HIS A 74 -4.40 2.32 24.16
N PRO A 75 -5.14 3.47 24.09
CA PRO A 75 -4.49 4.78 24.03
C PRO A 75 -3.85 5.10 25.37
N ASN A 76 -2.86 5.98 25.36
CA ASN A 76 -2.25 6.49 26.59
C ASN A 76 -1.78 5.34 27.47
N GLU A 77 -1.10 4.38 26.81
CA GLU A 77 -0.55 3.21 27.49
C GLU A 77 0.62 2.72 26.67
N TRP A 78 1.71 2.33 27.35
CA TRP A 78 2.86 1.75 26.64
C TRP A 78 2.56 0.28 26.39
N VAL A 79 2.39 -0.05 25.11
CA VAL A 79 1.94 -1.36 24.71
C VAL A 79 3.10 -2.22 24.18
N GLU A 80 3.34 -3.36 24.83
CA GLU A 80 4.38 -4.29 24.38
C GLU A 80 3.93 -4.95 23.10
N VAL A 81 4.82 -4.93 22.13
CA VAL A 81 4.58 -5.61 20.86
C VAL A 81 5.77 -6.47 20.45
N ASP A 82 5.51 -7.35 19.49
CA ASP A 82 6.49 -8.23 18.92
C ASP A 82 7.37 -7.47 17.91
N GLU A 83 8.49 -8.09 17.52
CA GLU A 83 9.48 -7.47 16.63
C GLU A 83 8.93 -7.16 15.27
N GLU A 84 8.11 -8.05 14.73
CA GLU A 84 7.52 -7.80 13.40
C GLU A 84 6.68 -6.52 13.41
N THR A 85 5.81 -6.46 14.37
CA THR A 85 4.92 -5.34 14.49
C THR A 85 5.74 -4.04 14.70
N TYR A 86 6.70 -4.13 15.61
CA TYR A 86 7.52 -2.97 15.93
C TYR A 86 8.22 -2.41 14.68
N SER A 87 8.82 -3.33 13.93
CA SER A 87 9.58 -2.95 12.76
C SER A 87 8.66 -2.37 11.68
N LEU A 88 7.47 -2.94 11.50
CA LEU A 88 6.55 -2.40 10.47
C LEU A 88 6.02 -1.02 10.82
N ILE A 89 5.62 -0.85 12.06
CA ILE A 89 5.18 0.48 12.49
C ILE A 89 6.29 1.51 12.38
N LYS A 90 7.50 1.14 12.82
CA LYS A 90 8.68 2.05 12.64
C LYS A 90 8.88 2.43 11.18
N ALA A 91 8.80 1.43 10.31
CA ALA A 91 8.96 1.68 8.88
C ALA A 91 7.89 2.63 8.33
N ALA A 92 6.64 2.41 8.74
CA ALA A 92 5.55 3.24 8.28
C ALA A 92 5.77 4.67 8.75
N CYS A 93 6.17 4.82 10.00
CA CYS A 93 6.48 6.17 10.50
C CYS A 93 7.70 6.77 9.77
N ALA A 94 8.67 5.96 9.37
CA ALA A 94 9.82 6.45 8.61
C ALA A 94 9.41 6.93 7.22
N PHE A 95 8.45 6.27 6.60
CA PHE A 95 7.89 6.80 5.33
C PHE A 95 7.12 8.10 5.52
N ALA A 96 6.40 8.21 6.64
CA ALA A 96 5.68 9.45 6.94
C ALA A 96 6.68 10.62 7.09
N GLU A 97 7.79 10.35 7.77
CA GLU A 97 8.81 11.39 7.90
C GLU A 97 9.42 11.75 6.54
N LEU A 98 9.71 10.74 5.73
CA LEU A 98 10.32 10.96 4.44
C LEU A 98 9.44 11.82 3.54
N THR A 99 8.11 11.63 3.66
CA THR A 99 7.16 12.33 2.79
C THR A 99 6.45 13.54 3.45
N ASP A 100 6.96 14.00 4.60
CA ASP A 100 6.37 15.08 5.37
C ASP A 100 4.92 14.85 5.63
N GLY A 101 4.58 13.61 5.95
CA GLY A 101 3.22 13.25 6.30
C GLY A 101 2.25 13.04 5.17
N ALA A 102 2.72 13.11 3.93
CA ALA A 102 1.82 12.80 2.79
C ALA A 102 1.33 11.35 2.83
N PHE A 103 2.24 10.42 3.08
CA PHE A 103 1.88 9.09 3.61
C PHE A 103 1.90 9.25 5.13
N ASP A 104 0.83 8.85 5.80
CA ASP A 104 0.81 8.89 7.24
C ASP A 104 -0.05 7.75 7.76
N PRO A 105 0.55 6.82 8.53
CA PRO A 105 -0.20 5.67 9.02
C PRO A 105 -1.13 6.03 10.17
N THR A 106 -1.21 7.30 10.57
CA THR A 106 -2.17 7.69 11.60
C THR A 106 -3.44 8.36 11.06
N VAL A 107 -3.80 8.03 9.83
CA VAL A 107 -5.12 8.40 9.28
C VAL A 107 -6.27 7.56 9.88
N GLY A 108 -6.02 6.71 10.89
CA GLY A 108 -7.04 5.86 11.40
C GLY A 108 -8.28 6.59 11.90
N ARG A 109 -8.11 7.65 12.72
CA ARG A 109 -9.27 8.36 13.23
C ARG A 109 -10.11 8.96 12.09
N LEU A 110 -9.46 9.47 11.05
CA LEU A 110 -10.18 10.02 9.92
C LEU A 110 -10.90 8.91 9.11
N LEU A 111 -10.22 7.80 8.88
CA LEU A 111 -10.86 6.67 8.14
C LEU A 111 -12.10 6.21 8.90
N GLU A 112 -12.00 6.19 10.21
CA GLU A 112 -13.10 5.72 11.05
C GLU A 112 -14.30 6.71 10.94
N LEU A 113 -13.98 8.00 10.92
CA LEU A 113 -14.97 9.04 10.81
C LEU A 113 -15.72 8.98 9.50
N TRP A 114 -14.98 8.79 8.41
CA TRP A 114 -15.55 8.68 7.07
C TRP A 114 -16.30 7.36 6.83
N GLY A 115 -16.06 6.37 7.68
CA GLY A 115 -16.71 5.06 7.57
C GLY A 115 -15.94 3.99 6.81
N PHE A 116 -14.72 4.28 6.41
CA PHE A 116 -13.91 3.34 5.62
C PHE A 116 -13.54 2.07 6.41
N THR A 117 -13.59 2.14 7.73
CA THR A 117 -13.24 1.02 8.60
C THR A 117 -14.43 0.17 9.04
N GLY A 118 -15.66 0.69 8.94
CA GLY A 118 -16.87 0.02 9.48
C GLY A 118 -17.83 -0.59 8.45
N ASN A 119 -19.10 -0.70 8.84
CA ASN A 119 -20.15 -1.18 7.92
C ASN A 119 -20.45 -0.14 6.86
N TYR A 120 -20.97 -0.60 5.72
CA TYR A 120 -21.26 0.32 4.61
C TYR A 120 -22.20 1.41 5.03
N GLU A 121 -23.10 1.09 5.95
CA GLU A 121 -24.06 2.07 6.41
C GLU A 121 -23.33 3.22 7.11
N ASN A 122 -22.11 2.98 7.61
CA ASN A 122 -21.31 4.06 8.23
C ASN A 122 -20.62 4.99 7.23
N LEU A 123 -20.55 4.61 5.96
CA LEU A 123 -19.90 5.49 4.99
C LEU A 123 -20.68 6.79 4.90
N ARG A 124 -20.00 7.91 5.10
CA ARG A 124 -20.65 9.21 5.12
C ARG A 124 -19.64 10.31 4.90
N VAL A 125 -20.13 11.49 4.54
CA VAL A 125 -19.33 12.69 4.45
C VAL A 125 -19.43 13.42 5.79
N PRO A 126 -18.36 13.41 6.58
CA PRO A 126 -18.40 14.10 7.87
C PRO A 126 -18.45 15.59 7.65
N SER A 127 -18.96 16.34 8.62
CA SER A 127 -18.89 17.79 8.48
C SER A 127 -17.50 18.37 8.58
N ARG A 128 -17.32 19.60 8.09
CA ARG A 128 -16.06 20.31 8.21
C ARG A 128 -15.59 20.38 9.67
N GLU A 129 -16.53 20.71 10.54
CA GLU A 129 -16.21 20.78 11.95
C GLU A 129 -15.70 19.43 12.51
N GLU A 130 -16.31 18.33 12.10
CA GLU A 130 -15.89 16.99 12.55
C GLU A 130 -14.49 16.67 12.05
N ILE A 131 -14.22 17.03 10.81
CA ILE A 131 -12.94 16.73 10.19
C ILE A 131 -11.83 17.57 10.84
N GLU A 132 -12.12 18.85 11.11
CA GLU A 132 -11.15 19.71 11.78
C GLU A 132 -10.79 19.19 13.16
N GLU A 133 -11.76 18.65 13.87
CA GLU A 133 -11.47 18.07 15.16
C GLU A 133 -10.66 16.79 14.98
N ALA A 134 -11.01 15.93 14.03
CA ALA A 134 -10.28 14.69 13.86
C ALA A 134 -8.81 14.90 13.46
N LEU A 135 -8.52 16.03 12.79
CA LEU A 135 -7.11 16.35 12.43
C LEU A 135 -6.24 16.56 13.67
N LYS A 136 -6.84 16.98 14.79
CA LYS A 136 -6.09 17.06 16.05
C LYS A 136 -5.69 15.68 16.56
N HIS A 137 -6.36 14.67 16.05
CA HIS A 137 -6.11 13.26 16.41
C HIS A 137 -5.56 12.48 15.24
N THR A 138 -4.70 13.19 14.49
CA THR A 138 -4.03 12.65 13.29
C THR A 138 -2.61 13.17 13.34
N GLY A 139 -1.64 12.35 12.96
CA GLY A 139 -0.26 12.85 12.78
C GLY A 139 0.74 11.80 13.28
N TYR A 140 1.67 11.41 12.41
CA TYR A 140 2.59 10.29 12.77
C TYR A 140 3.46 10.57 13.97
N LYS A 141 3.72 11.84 14.25
CA LYS A 141 4.53 12.19 15.41
C LYS A 141 3.89 11.82 16.75
N ASN A 142 2.62 11.43 16.73
CA ASN A 142 1.89 10.99 17.91
C ASN A 142 2.12 9.52 18.23
N VAL A 143 2.87 8.82 17.39
CA VAL A 143 3.27 7.44 17.71
C VAL A 143 4.64 7.45 18.33
N LEU A 144 4.72 7.00 19.58
CA LEU A 144 5.99 7.02 20.35
C LEU A 144 6.50 5.61 20.50
N PHE A 145 7.84 5.50 20.52
CA PHE A 145 8.54 4.22 20.53
C PHE A 145 9.45 4.10 21.73
N ASP A 146 9.47 2.90 22.31
CA ASP A 146 10.40 2.49 23.35
C ASP A 146 11.22 1.32 22.78
N ASP A 147 12.38 1.64 22.20
CA ASP A 147 13.27 0.60 21.68
C ASP A 147 13.82 -0.35 22.76
N LYS A 148 14.09 0.18 23.96
CA LYS A 148 14.60 -0.65 25.10
C LYS A 148 13.68 -1.86 25.34
N ASN A 149 12.39 -1.60 25.51
CA ASN A 149 11.43 -2.63 25.84
C ASN A 149 10.49 -3.07 24.71
N MSE A 150 10.66 -2.47 23.53
CA MSE A 150 9.82 -2.73 22.37
C MSE A 150 8.34 -2.50 22.68
O MSE A 150 7.48 -3.41 22.58
CB MSE A 150 10.03 -4.14 21.89
CG MSE A 150 9.51 -4.39 20.53
SE MSE A 150 10.62 -5.83 19.76
CE MSE A 150 11.98 -4.73 18.82
N ARG A 151 8.06 -1.26 23.04
CA ARG A 151 6.71 -0.81 23.31
C ARG A 151 6.40 0.36 22.41
N VAL A 152 5.11 0.52 22.13
CA VAL A 152 4.55 1.62 21.31
C VAL A 152 3.48 2.32 22.16
N MSE A 153 3.39 3.62 22.01
CA MSE A 153 2.27 4.36 22.61
C MSE A 153 1.71 5.27 21.57
O MSE A 153 2.47 5.87 20.80
CB MSE A 153 2.69 5.17 23.85
CG MSE A 153 1.51 6.03 24.31
SE MSE A 153 1.83 6.67 26.10
CE MSE A 153 3.22 7.90 25.66
N VAL A 154 0.38 5.39 21.57
CA VAL A 154 -0.31 6.37 20.71
C VAL A 154 -0.88 7.46 21.60
N LYS A 155 -0.43 8.72 21.38
CA LYS A 155 -0.97 9.85 22.08
C LYS A 155 -1.96 10.67 21.23
N ASN A 156 -2.66 11.57 21.91
CA ASN A 156 -3.62 12.46 21.27
C ASN A 156 -4.72 11.71 20.54
N GLY A 157 -4.99 10.49 20.95
CA GLY A 157 -6.09 9.72 20.43
C GLY A 157 -5.87 9.24 19.02
N VAL A 158 -4.63 9.20 18.56
CA VAL A 158 -4.43 8.74 17.17
C VAL A 158 -4.67 7.24 17.08
N LYS A 159 -5.02 6.81 15.89
CA LYS A 159 -5.14 5.41 15.57
C LYS A 159 -4.33 5.12 14.29
N ILE A 160 -3.63 4.01 14.32
CA ILE A 160 -2.75 3.56 13.23
C ILE A 160 -3.60 2.76 12.25
N ASP A 161 -3.42 3.01 10.96
CA ASP A 161 -3.99 2.16 9.91
C ASP A 161 -2.86 1.91 8.91
N LEU A 162 -2.58 0.63 8.65
CA LEU A 162 -1.44 0.22 7.81
C LEU A 162 -1.87 -0.15 6.38
N GLY A 163 -3.08 0.22 5.97
CA GLY A 163 -3.58 -0.20 4.69
C GLY A 163 -2.75 0.37 3.52
N GLY A 164 -2.01 1.46 3.76
CA GLY A 164 -1.22 2.10 2.71
C GLY A 164 0.14 1.46 2.48
N ILE A 165 0.51 0.49 3.33
CA ILE A 165 1.82 -0.17 3.26
C ILE A 165 1.74 -1.69 3.40
N ALA A 166 0.62 -2.22 3.90
CA ALA A 166 0.56 -3.63 4.28
C ALA A 166 0.60 -4.57 3.09
N LYS A 167 0.01 -4.17 1.96
CA LYS A 167 0.10 -5.01 0.76
C LYS A 167 1.55 -5.13 0.31
N GLY A 168 2.29 -4.01 0.27
CA GLY A 168 3.69 -4.05 -0.12
C GLY A 168 4.51 -4.93 0.80
N TYR A 169 4.28 -4.75 2.10
CA TYR A 169 4.98 -5.56 3.09
C TYR A 169 4.72 -7.07 2.84
N ALA A 170 3.45 -7.41 2.70
CA ALA A 170 3.03 -8.81 2.46
C ALA A 170 3.69 -9.32 1.16
N LEU A 171 3.73 -8.47 0.14
CA LEU A 171 4.30 -8.87 -1.13
C LEU A 171 5.79 -9.15 -1.02
N ASP A 172 6.49 -8.28 -0.31
CA ASP A 172 7.92 -8.49 -0.09
C ASP A 172 8.15 -9.80 0.71
N ARG A 173 7.34 -10.03 1.75
CA ARG A 173 7.41 -11.30 2.49
C ARG A 173 7.14 -12.50 1.59
N ALA A 174 6.16 -12.37 0.73
CA ALA A 174 5.80 -13.44 -0.17
C ALA A 174 6.99 -13.86 -1.04
N ARG A 175 7.70 -12.91 -1.63
CA ARG A 175 8.90 -13.24 -2.39
C ARG A 175 9.94 -13.95 -1.52
N GLN A 176 10.14 -13.47 -0.29
CA GLN A 176 11.14 -14.04 0.62
C GLN A 176 10.77 -15.50 0.91
N ILE A 177 9.49 -15.75 1.11
CA ILE A 177 8.98 -17.12 1.37
C ILE A 177 9.31 -18.03 0.19
N ALA A 178 8.98 -17.58 -1.02
CA ALA A 178 9.21 -18.39 -2.21
C ALA A 178 10.68 -18.74 -2.34
N LEU A 179 11.53 -17.70 -2.19
CA LEU A 179 13.00 -17.90 -2.36
C LEU A 179 13.63 -18.70 -1.27
N SER A 180 13.00 -18.72 -0.12
CA SER A 180 13.43 -19.57 1.02
C SER A 180 13.19 -21.06 0.70
N PHE A 181 12.09 -21.36 0.01
CA PHE A 181 11.85 -22.72 -0.49
C PHE A 181 12.80 -23.10 -1.59
N ASP A 182 13.02 -22.17 -2.49
CA ASP A 182 13.85 -22.45 -3.66
C ASP A 182 14.45 -21.15 -4.12
N GLU A 183 15.76 -21.00 -3.95
CA GLU A 183 16.43 -19.75 -4.36
C GLU A 183 16.28 -19.40 -5.82
N ASN A 184 15.94 -20.41 -6.62
CA ASN A 184 15.79 -20.25 -8.07
C ASN A 184 14.35 -20.25 -8.56
N ALA A 185 13.40 -20.13 -7.63
CA ALA A 185 12.01 -20.01 -8.03
C ALA A 185 11.80 -18.76 -8.86
N THR A 186 10.78 -18.81 -9.69
CA THR A 186 10.38 -17.71 -10.52
C THR A 186 8.85 -17.50 -10.40
N GLY A 187 8.40 -16.36 -10.91
CA GLY A 187 6.99 -15.97 -10.83
C GLY A 187 6.81 -14.58 -10.23
N PHE A 188 5.60 -14.35 -9.75
CA PHE A 188 5.22 -13.05 -9.21
C PHE A 188 4.08 -13.23 -8.24
N VAL A 189 3.91 -12.24 -7.38
CA VAL A 189 2.75 -12.18 -6.53
C VAL A 189 2.07 -10.84 -6.72
N GLU A 190 0.75 -10.83 -6.68
CA GLU A 190 -0.04 -9.63 -6.93
C GLU A 190 -1.08 -9.53 -5.83
N ALA A 191 -1.32 -8.31 -5.38
CA ALA A 191 -2.40 -8.02 -4.44
C ALA A 191 -2.97 -6.70 -4.84
N GLY A 192 -4.23 -6.71 -5.24
CA GLY A 192 -4.92 -5.50 -5.60
C GLY A 192 -4.14 -4.61 -6.55
N GLY A 193 -3.58 -5.20 -7.58
CA GLY A 193 -2.85 -4.28 -8.53
C GLY A 193 -1.49 -3.69 -8.04
C GLY A 193 -1.38 -4.12 -8.26
N ASP A 194 -0.96 -4.30 -7.00
CA ASP A 194 0.47 -4.18 -6.62
C ASP A 194 1.11 -5.52 -7.00
N VAL A 195 2.35 -5.50 -7.48
CA VAL A 195 3.01 -6.71 -7.91
C VAL A 195 4.47 -6.74 -7.40
N ARG A 196 4.90 -7.89 -6.92
CA ARG A 196 6.31 -8.15 -6.60
C ARG A 196 6.80 -9.34 -7.44
N ILE A 197 7.90 -9.15 -8.16
CA ILE A 197 8.46 -10.21 -8.96
C ILE A 197 9.26 -11.16 -8.03
N ILE A 198 9.00 -12.46 -8.18
CA ILE A 198 9.78 -13.47 -7.49
C ILE A 198 11.09 -13.76 -8.23
N GLY A 199 10.96 -14.03 -9.52
CA GLY A 199 12.09 -14.23 -10.42
C GLY A 199 11.59 -14.10 -11.82
N PRO A 200 12.50 -13.95 -12.79
CA PRO A 200 12.17 -13.71 -14.17
C PRO A 200 11.44 -14.88 -14.84
N LYS A 201 10.62 -14.51 -15.81
CA LYS A 201 9.73 -15.45 -16.45
C LYS A 201 10.57 -16.48 -17.21
N PHE A 202 10.27 -17.76 -16.98
CA PHE A 202 11.01 -18.89 -17.61
C PHE A 202 12.51 -18.77 -17.31
N GLY A 203 12.81 -18.11 -16.20
CA GLY A 203 14.16 -17.88 -15.73
C GLY A 203 14.98 -16.85 -16.46
N LYS A 204 14.40 -16.22 -17.47
CA LYS A 204 15.15 -15.34 -18.36
C LYS A 204 14.50 -14.02 -18.70
N TYR A 205 13.16 -13.96 -18.67
CA TYR A 205 12.47 -12.85 -19.34
C TYR A 205 11.72 -11.93 -18.39
N PRO A 206 11.48 -10.70 -18.80
CA PRO A 206 10.64 -9.82 -18.00
C PRO A 206 9.18 -10.22 -18.02
N TRP A 207 8.50 -9.93 -16.92
CA TRP A 207 7.06 -10.00 -16.84
C TRP A 207 6.51 -8.72 -17.42
N VAL A 208 5.45 -8.87 -18.19
CA VAL A 208 4.81 -7.72 -18.88
C VAL A 208 3.61 -7.34 -18.08
N ILE A 209 3.61 -6.11 -17.60
CA ILE A 209 2.60 -5.64 -16.65
C ILE A 209 1.86 -4.46 -17.28
N GLY A 210 0.55 -4.56 -17.33
CA GLY A 210 -0.29 -3.51 -17.87
C GLY A 210 -0.68 -2.49 -16.81
N VAL A 211 -0.51 -1.20 -17.09
CA VAL A 211 -0.95 -0.13 -16.21
C VAL A 211 -2.39 0.16 -16.62
N LYS A 212 -3.33 0.03 -15.68
CA LYS A 212 -4.74 0.12 -16.03
C LYS A 212 -5.17 1.59 -16.15
N ASP A 213 -6.09 1.82 -17.09
CA ASP A 213 -6.78 3.09 -17.19
C ASP A 213 -7.67 3.28 -15.98
N PRO A 214 -7.47 4.37 -15.22
CA PRO A 214 -8.38 4.56 -14.06
C PRO A 214 -9.84 4.86 -14.47
N ARG A 215 -10.08 5.08 -15.75
CA ARG A 215 -11.43 5.35 -16.26
C ARG A 215 -11.74 4.55 -17.54
N GLY A 216 -11.29 3.32 -17.57
CA GLY A 216 -11.61 2.45 -18.68
C GLY A 216 -11.13 1.07 -18.46
N ASP A 217 -11.47 0.20 -19.40
CA ASP A 217 -11.09 -1.19 -19.27
C ASP A 217 -9.79 -1.49 -20.02
N ASP A 218 -9.22 -0.46 -20.64
CA ASP A 218 -8.01 -0.57 -21.45
C ASP A 218 -6.78 -0.39 -20.58
N VAL A 219 -5.65 -0.81 -21.14
CA VAL A 219 -4.33 -0.59 -20.56
C VAL A 219 -3.79 0.71 -21.16
N ILE A 220 -3.22 1.58 -20.33
CA ILE A 220 -2.67 2.83 -20.85
C ILE A 220 -1.15 2.71 -21.07
N ASP A 221 -0.50 1.67 -20.54
CA ASP A 221 0.95 1.52 -20.74
C ASP A 221 1.32 0.09 -20.34
N TYR A 222 2.43 -0.41 -20.91
CA TYR A 222 3.02 -1.68 -20.51
C TYR A 222 4.41 -1.48 -19.99
N ILE A 223 4.70 -2.13 -18.86
CA ILE A 223 6.04 -2.15 -18.36
C ILE A 223 6.56 -3.56 -18.28
N TYR A 224 7.88 -3.63 -18.22
CA TYR A 224 8.61 -4.90 -18.31
C TYR A 224 9.49 -4.99 -17.10
N LEU A 225 9.25 -5.97 -16.24
CA LEU A 225 10.03 -6.13 -15.01
C LEU A 225 10.60 -7.55 -14.89
N LYS A 226 11.92 -7.62 -14.84
CA LYS A 226 12.58 -8.89 -14.45
C LYS A 226 12.76 -9.01 -12.95
N SER A 227 12.58 -7.93 -12.20
CA SER A 227 12.78 -7.87 -10.77
C SER A 227 12.04 -6.65 -10.24
N GLY A 228 12.00 -6.52 -8.92
CA GLY A 228 11.45 -5.35 -8.27
C GLY A 228 9.95 -5.42 -8.12
N ALA A 229 9.32 -4.25 -8.09
CA ALA A 229 7.92 -4.20 -7.79
C ALA A 229 7.26 -3.01 -8.44
N VAL A 230 5.94 -3.10 -8.57
CA VAL A 230 5.14 -1.99 -9.05
C VAL A 230 3.90 -1.90 -8.17
N ALA A 231 3.48 -0.69 -7.84
CA ALA A 231 2.27 -0.50 -7.01
C ALA A 231 1.51 0.71 -7.58
N THR A 232 0.19 0.66 -7.52
CA THR A 232 -0.65 1.73 -7.99
C THR A 232 -1.62 2.15 -6.86
N SER A 233 -1.74 3.46 -6.65
CA SER A 233 -2.82 4.00 -5.80
C SER A 233 -3.76 4.73 -6.74
N GLY A 234 -5.05 4.57 -6.53
CA GLY A 234 -6.02 5.19 -7.42
C GLY A 234 -7.28 5.55 -6.67
N ASP A 235 -8.06 6.41 -7.32
CA ASP A 235 -9.35 6.82 -6.76
C ASP A 235 -10.47 5.85 -7.08
N TYR A 236 -10.14 4.69 -7.60
CA TYR A 236 -11.13 3.69 -7.92
C TYR A 236 -10.98 2.47 -7.03
N GLU A 237 -10.01 2.45 -6.12
CA GLU A 237 -9.74 1.25 -5.29
C GLU A 237 -10.82 1.06 -4.23
N ARG A 238 -11.15 2.13 -3.50
CA ARG A 238 -12.12 2.04 -2.41
C ARG A 238 -12.81 3.40 -2.35
N TYR A 239 -14.05 3.45 -2.88
CA TYR A 239 -14.81 4.69 -2.87
C TYR A 239 -16.31 4.46 -2.71
N PHE A 240 -16.98 5.55 -2.35
CA PHE A 240 -18.44 5.60 -2.31
C PHE A 240 -18.84 6.93 -2.98
N VAL A 241 -20.12 7.07 -3.27
CA VAL A 241 -20.64 8.24 -3.99
C VAL A 241 -21.83 8.75 -3.20
N VAL A 242 -21.84 10.08 -3.02
CA VAL A 242 -22.96 10.76 -2.37
C VAL A 242 -23.21 11.97 -3.20
N ASP A 243 -24.45 12.10 -3.68
CA ASP A 243 -24.86 13.26 -4.52
C ASP A 243 -23.93 13.54 -5.66
N GLY A 244 -23.57 12.48 -6.37
CA GLY A 244 -22.81 12.57 -7.59
C GLY A 244 -21.32 12.77 -7.41
N VAL A 245 -20.87 12.84 -6.15
CA VAL A 245 -19.46 13.08 -5.83
C VAL A 245 -18.82 11.81 -5.26
N ARG A 246 -17.59 11.55 -5.72
CA ARG A 246 -16.85 10.38 -5.27
C ARG A 246 -16.00 10.72 -4.02
N TYR A 247 -16.06 9.86 -3.02
CA TYR A 247 -15.24 9.98 -1.82
C TYR A 247 -14.47 8.67 -1.75
N HIS A 248 -13.16 8.78 -1.95
CA HIS A 248 -12.29 7.62 -1.96
C HIS A 248 -11.39 7.65 -0.69
N HIS A 249 -10.71 6.52 -0.45
CA HIS A 249 -10.05 6.26 0.82
C HIS A 249 -8.67 6.88 0.98
N ILE A 250 -8.18 7.51 -0.09
CA ILE A 250 -6.83 8.11 -0.03
C ILE A 250 -6.98 9.54 0.45
N LEU A 251 -6.98 9.65 1.78
CA LEU A 251 -7.13 10.96 2.41
C LEU A 251 -5.82 11.71 2.43
N ASP A 252 -5.90 13.00 2.22
CA ASP A 252 -4.78 13.92 2.49
C ASP A 252 -4.70 14.11 4.02
N PRO A 253 -3.63 13.59 4.65
CA PRO A 253 -3.60 13.71 6.10
C PRO A 253 -3.55 15.12 6.65
N SER A 254 -3.23 16.11 5.81
CA SER A 254 -3.17 17.50 6.28
C SER A 254 -4.54 18.16 6.20
N THR A 255 -5.48 17.61 5.41
CA THR A 255 -6.80 18.23 5.26
C THR A 255 -7.94 17.38 5.82
N GLY A 256 -7.72 16.07 5.85
CA GLY A 256 -8.77 15.14 6.26
C GLY A 256 -9.83 14.80 5.22
N TYR A 257 -9.64 15.25 3.98
CA TYR A 257 -10.55 14.97 2.88
C TYR A 257 -9.79 14.08 1.85
N PRO A 258 -10.53 13.35 1.01
CA PRO A 258 -9.93 12.62 -0.10
C PRO A 258 -9.05 13.54 -0.89
N ALA A 259 -7.87 13.07 -1.22
CA ALA A 259 -6.96 13.87 -2.02
C ALA A 259 -7.54 14.01 -3.44
N ARG A 260 -7.47 15.21 -4.03
CA ARG A 260 -8.10 15.52 -5.30
C ARG A 260 -7.12 15.83 -6.41
N GLY A 261 -7.59 15.84 -7.67
CA GLY A 261 -6.73 16.26 -8.76
C GLY A 261 -5.98 15.14 -9.45
N VAL A 262 -6.13 13.92 -8.95
CA VAL A 262 -5.32 12.77 -9.40
C VAL A 262 -6.20 11.51 -9.50
N TRP A 263 -6.10 10.77 -10.60
CA TRP A 263 -6.82 9.54 -10.77
C TRP A 263 -6.00 8.31 -10.33
N SER A 264 -4.72 8.30 -10.70
CA SER A 264 -3.84 7.22 -10.22
C SER A 264 -2.38 7.58 -10.24
N VAL A 265 -1.62 6.89 -9.40
CA VAL A 265 -0.16 7.03 -9.42
C VAL A 265 0.40 5.60 -9.33
N THR A 266 1.31 5.29 -10.23
CA THR A 266 1.95 3.97 -10.36
C THR A 266 3.44 4.17 -10.13
N ILE A 267 3.99 3.38 -9.22
CA ILE A 267 5.39 3.47 -8.84
C ILE A 267 6.08 2.14 -9.07
N ILE A 268 7.19 2.22 -9.79
CA ILE A 268 8.15 1.11 -9.89
C ILE A 268 9.26 1.36 -8.89
N ALA A 269 9.56 0.35 -8.08
CA ALA A 269 10.60 0.47 -7.06
C ALA A 269 11.29 -0.88 -6.82
N GLU A 270 12.35 -0.83 -6.04
CA GLU A 270 13.09 -2.00 -5.70
C GLU A 270 12.33 -3.02 -4.91
N ASP A 271 11.39 -2.54 -4.08
CA ASP A 271 10.61 -3.42 -3.27
C ASP A 271 9.19 -2.90 -3.16
N ALA A 272 8.30 -3.83 -2.82
CA ALA A 272 6.92 -3.47 -2.85
C ALA A 272 6.50 -2.57 -1.68
N THR A 273 7.15 -2.71 -0.53
CA THR A 273 6.87 -1.86 0.60
C THR A 273 7.07 -0.37 0.17
N THR A 274 8.21 -0.09 -0.44
CA THR A 274 8.51 1.25 -0.93
C THR A 274 7.48 1.70 -2.00
N ALA A 275 7.19 0.84 -2.95
CA ALA A 275 6.30 1.19 -4.04
C ALA A 275 4.92 1.50 -3.47
N ASP A 276 4.46 0.68 -2.51
CA ASP A 276 3.12 0.85 -1.93
C ASP A 276 3.04 2.17 -1.13
N ALA A 277 3.99 2.41 -0.19
CA ALA A 277 3.95 3.63 0.63
C ALA A 277 4.07 4.88 -0.24
N LEU A 278 4.98 4.85 -1.21
CA LEU A 278 5.22 6.02 -2.02
C LEU A 278 4.14 6.24 -3.07
N SER A 279 3.39 5.21 -3.43
CA SER A 279 2.31 5.43 -4.40
C SER A 279 1.20 6.24 -3.68
N THR A 280 0.98 5.93 -2.38
CA THR A 280 0.02 6.67 -1.59
C THR A 280 0.48 8.12 -1.45
N ALA A 281 1.73 8.30 -1.04
CA ALA A 281 2.25 9.66 -0.86
C ALA A 281 2.20 10.46 -2.17
N GLY A 282 2.60 9.83 -3.26
CA GLY A 282 2.58 10.51 -4.57
C GLY A 282 1.18 10.90 -4.99
N PHE A 283 0.21 10.04 -4.72
CA PHE A 283 -1.20 10.35 -5.01
C PHE A 283 -1.61 11.65 -4.29
N VAL A 284 -1.31 11.72 -3.00
CA VAL A 284 -1.64 12.88 -2.20
C VAL A 284 -0.88 14.13 -2.64
N MSE A 285 0.39 14.01 -3.00
CA MSE A 285 1.20 15.17 -3.33
C MSE A 285 0.98 15.66 -4.77
O MSE A 285 1.24 16.84 -5.06
CB MSE A 285 2.66 14.81 -3.12
CG MSE A 285 2.98 14.65 -1.67
SE MSE A 285 4.88 14.19 -1.40
CE MSE A 285 5.57 16.14 -1.67
N ALA A 286 0.57 14.77 -5.66
CA ALA A 286 0.55 15.11 -7.11
C ALA A 286 -0.59 16.07 -7.46
N GLY A 287 -1.62 16.14 -6.62
CA GLY A 287 -2.69 17.08 -6.89
C GLY A 287 -2.31 18.50 -6.54
N LYS A 288 -1.16 18.70 -5.89
CA LYS A 288 -0.69 20.04 -5.55
C LYS A 288 0.42 20.54 -6.50
N ASP A 289 1.43 19.71 -6.76
CA ASP A 289 2.52 20.09 -7.70
C ASP A 289 3.02 18.81 -8.37
N TRP A 290 2.31 18.38 -9.40
CA TRP A 290 2.65 17.15 -10.07
C TRP A 290 4.06 17.20 -10.69
N ARG A 291 4.48 18.38 -11.19
CA ARG A 291 5.80 18.45 -11.81
C ARG A 291 6.91 18.17 -10.79
N LYS A 292 6.75 18.67 -9.58
CA LYS A 292 7.71 18.47 -8.54
C LYS A 292 7.72 17.03 -8.07
N VAL A 293 6.55 16.41 -8.03
CA VAL A 293 6.45 14.97 -7.70
C VAL A 293 7.19 14.14 -8.75
N VAL A 294 6.95 14.41 -10.03
CA VAL A 294 7.60 13.65 -11.09
C VAL A 294 9.11 13.82 -11.04
N LEU A 295 9.54 15.03 -10.69
CA LEU A 295 10.98 15.31 -10.54
C LEU A 295 11.60 14.61 -9.31
N ASP A 296 10.97 14.75 -8.16
CA ASP A 296 11.58 14.36 -6.89
C ASP A 296 11.43 12.87 -6.56
N PHE A 297 10.31 12.24 -6.96
CA PHE A 297 10.07 10.86 -6.56
C PHE A 297 11.12 9.86 -7.01
N PRO A 298 11.60 9.96 -8.25
CA PRO A 298 12.65 9.04 -8.72
C PRO A 298 13.88 9.10 -7.88
N ASN A 299 14.15 10.25 -7.29
CA ASN A 299 15.33 10.34 -6.41
C ASN A 299 15.17 9.71 -5.02
N MSE A 300 13.96 9.26 -4.72
CA MSE A 300 13.64 8.44 -3.56
C MSE A 300 13.51 6.96 -3.94
O MSE A 300 13.17 6.13 -3.11
CB MSE A 300 12.34 8.86 -2.95
CG MSE A 300 12.44 10.12 -2.19
SE MSE A 300 10.66 10.43 -1.29
CE MSE A 300 9.66 10.83 -2.78
N GLY A 301 13.81 6.66 -5.21
CA GLY A 301 13.69 5.33 -5.76
C GLY A 301 12.28 4.97 -6.21
N ALA A 302 11.45 5.96 -6.48
CA ALA A 302 10.07 5.74 -6.90
C ALA A 302 9.89 6.27 -8.36
N HIS A 303 10.00 5.38 -9.34
CA HIS A 303 9.93 5.71 -10.73
C HIS A 303 8.49 5.67 -11.13
N LEU A 304 7.95 6.78 -11.63
CA LEU A 304 6.49 6.90 -11.60
C LEU A 304 5.79 7.37 -12.84
N LEU A 305 4.50 7.02 -12.86
CA LEU A 305 3.57 7.48 -13.88
C LEU A 305 2.33 7.97 -13.13
N ILE A 306 1.90 9.19 -13.43
CA ILE A 306 0.72 9.78 -12.81
C ILE A 306 -0.35 9.98 -13.89
N VAL A 307 -1.60 9.59 -13.58
CA VAL A 307 -2.72 9.95 -14.42
C VAL A 307 -3.47 11.03 -13.66
N LEU A 308 -3.41 12.24 -14.18
CA LEU A 308 -4.04 13.37 -13.54
C LEU A 308 -5.57 13.31 -13.79
N GLU A 309 -6.32 13.97 -12.93
CA GLU A 309 -7.75 14.12 -13.16
C GLU A 309 -7.97 14.66 -14.55
N GLY A 310 -8.81 14.01 -15.32
CA GLY A 310 -9.05 14.41 -16.71
C GLY A 310 -8.35 13.52 -17.68
N GLY A 311 -7.32 12.81 -17.22
CA GLY A 311 -6.72 11.73 -18.01
C GLY A 311 -5.30 11.94 -18.53
N ALA A 312 -4.72 13.13 -18.32
CA ALA A 312 -3.37 13.38 -18.79
C ALA A 312 -2.37 12.48 -18.05
N ILE A 313 -1.44 11.91 -18.79
CA ILE A 313 -0.44 11.01 -18.23
C ILE A 313 0.92 11.73 -18.16
N GLU A 314 1.51 11.76 -16.99
CA GLU A 314 2.84 12.34 -16.79
C GLU A 314 3.72 11.26 -16.18
N ARG A 315 4.91 11.06 -16.74
CA ARG A 315 5.78 10.10 -16.13
C ARG A 315 7.21 10.55 -16.14
N SER A 316 7.98 10.01 -15.20
CA SER A 316 9.39 10.31 -15.15
C SER A 316 10.14 9.68 -16.28
N GLU A 317 11.29 10.27 -16.64
CA GLU A 317 12.12 9.65 -17.64
C GLU A 317 12.58 8.24 -17.20
N THR A 318 12.78 8.07 -15.90
CA THR A 318 13.17 6.76 -15.37
C THR A 318 12.06 5.73 -15.63
N PHE A 319 10.79 6.12 -15.48
CA PHE A 319 9.67 5.22 -15.73
C PHE A 319 9.73 4.69 -17.17
N LYS A 320 10.05 5.59 -18.11
CA LYS A 320 10.10 5.28 -19.53
C LYS A 320 11.09 4.16 -19.81
N LEU A 321 12.14 4.04 -18.98
CA LEU A 321 13.11 2.99 -19.18
C LEU A 321 12.50 1.58 -19.12
N PHE A 322 11.39 1.45 -18.38
CA PHE A 322 10.72 0.16 -18.14
C PHE A 322 9.62 -0.14 -19.16
N GLU A 323 9.43 0.76 -20.09
CA GLU A 323 8.45 0.61 -21.17
C GLU A 323 8.93 -0.19 -22.36
N ARG A 324 10.10 -0.78 -22.28
CA ARG A 324 10.55 -1.74 -23.30
C ARG A 324 11.22 -2.91 -22.62
N GLU A 325 11.17 -4.09 -23.25
CA GLU A 325 11.74 -5.28 -22.64
C GLU A 325 13.26 -5.11 -22.42
O1 UNL B . -2.36 9.29 3.22
O2 UNL B . -1.53 7.63 4.48
O3 UNL B . -2.00 5.45 4.40
O4 UNL B . -4.37 7.96 3.24
O5 UNL B . -5.48 6.26 3.29
O6 UNL B . -4.69 4.18 4.44
O7 UNL B . -6.36 2.40 4.59
O8 UNL B . -6.35 2.71 2.51
O9 UNL B . -4.13 3.27 2.62
O10 UNL B . -4.39 2.66 0.63
O11 UNL B . -3.45 4.84 0.09
O12 UNL B . -3.60 3.28 -2.11
O13 UNL B . -2.30 1.68 -0.92
O14 UNL B . -0.78 2.27 -3.03
O15 UNL B . -0.69 0.32 -3.78
C1 MRD C . -12.04 6.22 17.96
C2 MRD C . -13.18 6.60 18.83
O2 MRD C . -13.90 7.66 18.15
CM MRD C . -14.09 5.39 18.97
C3 MRD C . -12.69 6.99 20.23
C4 MRD C . -11.50 7.93 20.30
O4 MRD C . -10.38 7.42 19.62
C5 MRD C . -11.10 8.21 21.74
C1 MPD D . 5.10 -19.06 5.50
C2 MPD D . 5.01 -20.01 6.70
O2 MPD D . 6.32 -20.19 7.31
CM MPD D . 4.53 -21.37 6.21
C3 MPD D . 4.09 -19.41 7.76
C4 MPD D . 2.59 -19.34 7.41
O4 MPD D . 1.87 -20.50 7.90
C5 MPD D . 2.00 -18.10 8.03
C1 MPD E . 2.62 -9.82 -13.91
C2 MPD E . 1.20 -9.57 -14.45
O2 MPD E . 1.30 -8.69 -15.61
CM MPD E . 0.37 -8.89 -13.36
C3 MPD E . 0.49 -10.83 -14.98
C4 MPD E . 0.99 -11.38 -16.33
O4 MPD E . 2.28 -10.91 -16.70
C5 MPD E . 1.00 -12.90 -16.34
#